data_5XM4
#
_entry.id   5XM4
#
_entity_poly.entity_id   1
_entity_poly.type   'polypeptide(L)'
_entity_poly.pdbx_seq_one_letter_code
;GPPGDRIEFGVLAQLPG
;
_entity_poly.pdbx_strand_id   A
#
# COMPACT_ATOMS: atom_id res chain seq x y z
N GLY A 1 -3.58 0.62 -2.04
CA GLY A 1 -2.91 0.10 -3.21
C GLY A 1 -2.45 -1.34 -3.04
N PRO A 2 -1.79 -1.91 -4.05
CA PRO A 2 -1.30 -3.29 -3.99
C PRO A 2 -0.40 -3.54 -2.78
N PRO A 3 -0.28 -4.80 -2.34
CA PRO A 3 0.55 -5.16 -1.19
C PRO A 3 1.98 -4.63 -1.31
N GLY A 4 2.18 -3.42 -0.80
CA GLY A 4 3.50 -2.81 -0.87
C GLY A 4 4.06 -2.49 0.50
N ASP A 5 4.57 -1.27 0.66
CA ASP A 5 5.14 -0.84 1.94
C ASP A 5 4.20 0.11 2.67
N ARG A 6 3.26 0.70 1.94
CA ARG A 6 2.30 1.63 2.54
C ARG A 6 1.07 0.90 3.03
N ILE A 7 0.07 1.64 3.48
CA ILE A 7 -1.16 1.05 3.98
C ILE A 7 -2.38 1.59 3.24
N GLU A 8 -3.23 0.68 2.79
CA GLU A 8 -4.45 1.05 2.08
C GLU A 8 -5.62 1.18 3.05
N PHE A 9 -6.83 0.98 2.56
CA PHE A 9 -8.02 1.07 3.40
C PHE A 9 -8.17 -0.17 4.28
N GLY A 10 -7.13 -0.48 5.05
CA GLY A 10 -7.18 -1.65 5.91
C GLY A 10 -6.32 -2.80 5.41
N VAL A 11 -5.42 -2.51 4.47
CA VAL A 11 -4.54 -3.54 3.91
C VAL A 11 -3.22 -2.94 3.48
N LEU A 12 -2.30 -3.80 3.04
CA LEU A 12 -0.99 -3.34 2.60
C LEU A 12 -1.11 -2.59 1.28
N ALA A 13 -0.31 -1.54 1.11
CA ALA A 13 -0.35 -0.74 -0.11
C ALA A 13 1.06 -0.48 -0.65
N GLN A 14 1.12 -0.05 -1.90
CA GLN A 14 2.39 0.24 -2.56
C GLN A 14 2.41 1.67 -3.11
N LEU A 15 3.58 2.30 -3.06
CA LEU A 15 3.73 3.66 -3.56
C LEU A 15 4.63 3.70 -4.78
N PRO A 16 4.38 4.64 -5.70
CA PRO A 16 5.17 4.79 -6.93
C PRO A 16 6.46 5.57 -6.69
N GLY A 17 7.27 5.11 -5.75
CA GLY A 17 8.52 5.78 -5.45
C GLY A 17 8.79 5.88 -3.96
N GLY A 1 -3.90 0.08 -2.45
CA GLY A 1 -3.76 -0.76 -3.63
C GLY A 1 -2.97 -2.03 -3.36
N PRO A 2 -2.25 -2.54 -4.37
CA PRO A 2 -1.44 -3.76 -4.24
C PRO A 2 -0.54 -3.73 -3.02
N PRO A 3 -0.44 -4.86 -2.28
CA PRO A 3 0.40 -4.95 -1.09
C PRO A 3 1.84 -4.48 -1.34
N GLY A 4 2.22 -3.39 -0.69
CA GLY A 4 3.56 -2.86 -0.86
C GLY A 4 4.23 -2.55 0.46
N ASP A 5 4.67 -1.31 0.62
CA ASP A 5 5.33 -0.88 1.85
C ASP A 5 4.45 0.05 2.66
N ARG A 6 3.41 0.60 2.03
CA ARG A 6 2.49 1.50 2.69
C ARG A 6 1.22 0.77 3.09
N ILE A 7 0.24 1.52 3.60
CA ILE A 7 -1.02 0.93 4.01
C ILE A 7 -2.20 1.55 3.26
N GLU A 8 -3.07 0.70 2.74
CA GLU A 8 -4.25 1.15 2.01
C GLU A 8 -5.42 1.31 2.97
N PHE A 9 -6.64 1.20 2.43
CA PHE A 9 -7.85 1.33 3.24
C PHE A 9 -8.06 0.10 4.13
N GLY A 10 -7.05 -0.24 4.92
CA GLY A 10 -7.15 -1.39 5.81
C GLY A 10 -6.35 -2.59 5.34
N VAL A 11 -5.42 -2.36 4.41
CA VAL A 11 -4.59 -3.44 3.88
C VAL A 11 -3.22 -2.92 3.46
N LEU A 12 -2.35 -3.83 3.06
CA LEU A 12 -1.01 -3.46 2.63
C LEU A 12 -1.08 -2.75 1.29
N ALA A 13 -0.23 -1.73 1.10
CA ALA A 13 -0.22 -0.98 -0.15
C ALA A 13 1.18 -0.51 -0.50
N GLN A 14 1.31 0.15 -1.66
CA GLN A 14 2.59 0.65 -2.12
C GLN A 14 2.50 2.15 -2.42
N LEU A 15 3.63 2.75 -2.78
CA LEU A 15 3.68 4.17 -3.09
C LEU A 15 3.84 4.40 -4.60
N PRO A 16 3.08 5.36 -5.16
CA PRO A 16 3.13 5.66 -6.58
C PRO A 16 4.27 6.60 -6.94
N GLY A 17 4.46 6.84 -8.23
CA GLY A 17 5.52 7.72 -8.68
C GLY A 17 5.23 9.17 -8.40
N GLY A 1 -4.20 -0.57 -2.09
CA GLY A 1 -4.37 -1.55 -3.16
C GLY A 1 -3.21 -2.54 -3.24
N PRO A 2 -2.36 -2.45 -4.27
CA PRO A 2 -1.22 -3.35 -4.44
C PRO A 2 -0.35 -3.43 -3.19
N PRO A 3 -0.38 -4.57 -2.47
CA PRO A 3 0.41 -4.75 -1.25
C PRO A 3 1.88 -4.38 -1.44
N GLY A 4 2.30 -3.33 -0.74
CA GLY A 4 3.68 -2.88 -0.84
C GLY A 4 4.26 -2.46 0.49
N ASP A 5 4.65 -1.19 0.59
CA ASP A 5 5.22 -0.65 1.82
C ASP A 5 4.24 0.30 2.52
N ARG A 6 3.26 0.81 1.76
CA ARG A 6 2.28 1.72 2.30
C ARG A 6 1.07 0.96 2.83
N ILE A 7 0.12 1.69 3.41
CA ILE A 7 -1.08 1.07 3.96
C ILE A 7 -2.34 1.65 3.32
N GLU A 8 -3.22 0.77 2.86
CA GLU A 8 -4.47 1.18 2.24
C GLU A 8 -5.58 1.29 3.29
N PHE A 9 -6.83 1.25 2.84
CA PHE A 9 -7.97 1.35 3.76
C PHE A 9 -8.15 0.03 4.52
N GLY A 10 -7.10 -0.39 5.22
CA GLY A 10 -7.16 -1.62 5.99
C GLY A 10 -6.38 -2.76 5.33
N VAL A 11 -5.47 -2.40 4.44
CA VAL A 11 -4.66 -3.41 3.75
C VAL A 11 -3.29 -2.84 3.38
N LEU A 12 -2.44 -3.69 2.82
CA LEU A 12 -1.10 -3.27 2.42
C LEU A 12 -1.14 -2.56 1.07
N ALA A 13 -0.27 -1.58 0.88
CA ALA A 13 -0.21 -0.83 -0.37
C ALA A 13 1.23 -0.51 -0.75
N GLN A 14 1.41 0.04 -1.95
CA GLN A 14 2.74 0.39 -2.43
C GLN A 14 2.83 1.88 -2.76
N LEU A 15 4.02 2.44 -2.65
CA LEU A 15 4.24 3.85 -2.94
C LEU A 15 5.47 4.04 -3.82
N PRO A 16 5.46 5.07 -4.68
CA PRO A 16 6.57 5.37 -5.58
C PRO A 16 7.69 6.14 -4.89
N GLY A 17 8.71 5.41 -4.44
CA GLY A 17 9.83 6.06 -3.77
C GLY A 17 10.39 5.20 -2.65
N GLY A 1 -4.05 -0.20 -2.39
CA GLY A 1 -3.99 -1.10 -3.52
C GLY A 1 -3.17 -2.35 -3.24
N PRO A 2 -2.45 -2.86 -4.25
CA PRO A 2 -1.61 -4.07 -4.10
C PRO A 2 -0.66 -3.96 -2.91
N PRO A 3 -0.47 -5.08 -2.17
CA PRO A 3 0.41 -5.10 -1.00
C PRO A 3 1.82 -4.60 -1.33
N GLY A 4 2.13 -3.39 -0.88
CA GLY A 4 3.44 -2.83 -1.14
C GLY A 4 4.17 -2.46 0.14
N ASP A 5 4.56 -1.19 0.25
CA ASP A 5 5.26 -0.70 1.43
C ASP A 5 4.39 0.28 2.23
N ARG A 6 3.32 0.76 1.61
CA ARG A 6 2.42 1.70 2.27
C ARG A 6 1.18 0.98 2.80
N ILE A 7 0.22 1.74 3.31
CA ILE A 7 -1.00 1.15 3.84
C ILE A 7 -2.23 1.70 3.12
N GLU A 8 -3.11 0.80 2.70
CA GLU A 8 -4.33 1.19 2.01
C GLU A 8 -5.49 1.32 3.01
N PHE A 9 -6.71 1.16 2.53
CA PHE A 9 -7.89 1.27 3.38
C PHE A 9 -8.04 0.04 4.28
N GLY A 10 -6.98 -0.28 5.03
CA GLY A 10 -7.02 -1.43 5.92
C GLY A 10 -6.22 -2.60 5.39
N VAL A 11 -5.33 -2.34 4.44
CA VAL A 11 -4.50 -3.39 3.85
C VAL A 11 -3.16 -2.84 3.40
N LEU A 12 -2.27 -3.72 2.97
CA LEU A 12 -0.94 -3.32 2.51
C LEU A 12 -1.04 -2.67 1.13
N ALA A 13 -0.34 -1.56 0.94
CA ALA A 13 -0.35 -0.85 -0.33
C ALA A 13 1.06 -0.45 -0.75
N GLN A 14 1.16 0.20 -1.92
CA GLN A 14 2.44 0.64 -2.43
C GLN A 14 2.70 2.10 -2.07
N LEU A 15 3.96 2.51 -2.14
CA LEU A 15 4.35 3.88 -1.80
C LEU A 15 4.68 4.67 -3.07
N PRO A 16 4.43 5.99 -3.04
CA PRO A 16 4.70 6.86 -4.18
C PRO A 16 6.15 7.30 -4.25
N GLY A 17 6.44 8.28 -5.11
CA GLY A 17 7.79 8.77 -5.27
C GLY A 17 8.20 8.88 -6.72
N GLY A 1 -4.20 -0.63 -2.04
CA GLY A 1 -4.37 -1.61 -3.09
C GLY A 1 -3.20 -2.56 -3.21
N PRO A 2 -2.37 -2.43 -4.26
CA PRO A 2 -1.20 -3.29 -4.46
C PRO A 2 -0.31 -3.37 -3.22
N PRO A 3 -0.36 -4.50 -2.50
CA PRO A 3 0.44 -4.71 -1.29
C PRO A 3 1.91 -4.33 -1.48
N GLY A 4 2.36 -3.34 -0.72
CA GLY A 4 3.74 -2.89 -0.82
C GLY A 4 4.33 -2.53 0.53
N ASP A 5 4.70 -1.26 0.69
CA ASP A 5 5.28 -0.79 1.93
C ASP A 5 4.33 0.18 2.65
N ARG A 6 3.35 0.70 1.93
CA ARG A 6 2.38 1.64 2.51
C ARG A 6 1.12 0.89 2.96
N ILE A 7 0.19 1.62 3.55
CA ILE A 7 -1.05 1.03 4.02
C ILE A 7 -2.26 1.63 3.33
N GLU A 8 -3.15 0.77 2.85
CA GLU A 8 -4.36 1.22 2.16
C GLU A 8 -5.51 1.37 3.17
N PHE A 9 -6.74 1.28 2.69
CA PHE A 9 -7.90 1.41 3.56
C PHE A 9 -8.12 0.12 4.36
N GLY A 10 -7.09 -0.30 5.09
CA GLY A 10 -7.19 -1.51 5.89
C GLY A 10 -6.41 -2.67 5.30
N VAL A 11 -5.49 -2.37 4.39
CA VAL A 11 -4.68 -3.40 3.75
C VAL A 11 -3.30 -2.86 3.37
N LEU A 12 -2.44 -3.74 2.87
CA LEU A 12 -1.10 -3.35 2.45
C LEU A 12 -1.14 -2.62 1.11
N ALA A 13 -0.25 -1.66 0.93
CA ALA A 13 -0.20 -0.91 -0.31
C ALA A 13 1.23 -0.52 -0.68
N GLN A 14 1.41 0.01 -1.89
CA GLN A 14 2.73 0.42 -2.36
C GLN A 14 2.70 1.88 -2.82
N LEU A 15 3.81 2.58 -2.62
CA LEU A 15 3.91 3.98 -3.02
C LEU A 15 4.82 4.13 -4.23
N PRO A 16 4.53 5.14 -5.08
CA PRO A 16 5.32 5.39 -6.29
C PRO A 16 6.59 6.18 -6.00
N GLY A 17 7.64 5.48 -5.61
CA GLY A 17 8.90 6.12 -5.31
C GLY A 17 10.04 5.13 -5.14
N GLY A 1 -3.97 -0.05 -2.30
CA GLY A 1 -3.92 -0.93 -3.45
C GLY A 1 -3.15 -2.21 -3.18
N PRO A 2 -2.47 -2.77 -4.20
CA PRO A 2 -1.70 -4.01 -4.05
C PRO A 2 -0.74 -3.94 -2.86
N PRO A 3 -0.43 -5.10 -2.25
CA PRO A 3 0.48 -5.17 -1.11
C PRO A 3 1.82 -4.49 -1.39
N GLY A 4 2.03 -3.33 -0.77
CA GLY A 4 3.28 -2.60 -0.97
C GLY A 4 4.02 -2.34 0.32
N ASP A 5 4.52 -1.13 0.48
CA ASP A 5 5.26 -0.76 1.69
C ASP A 5 4.40 0.11 2.60
N ARG A 6 3.38 0.75 2.04
CA ARG A 6 2.49 1.61 2.82
C ARG A 6 1.22 0.86 3.18
N ILE A 7 0.23 1.58 3.71
CA ILE A 7 -1.03 0.98 4.10
C ILE A 7 -2.21 1.61 3.36
N GLU A 8 -3.08 0.76 2.83
CA GLU A 8 -4.26 1.21 2.10
C GLU A 8 -5.44 1.33 3.06
N PHE A 9 -6.65 1.19 2.54
CA PHE A 9 -7.85 1.28 3.36
C PHE A 9 -8.07 -0.01 4.15
N GLY A 10 -7.07 -0.39 4.94
CA GLY A 10 -7.17 -1.59 5.75
C GLY A 10 -6.32 -2.74 5.23
N VAL A 11 -5.39 -2.44 4.33
CA VAL A 11 -4.52 -3.46 3.77
C VAL A 11 -3.16 -2.87 3.38
N LEU A 12 -2.27 -3.71 2.90
CA LEU A 12 -0.94 -3.27 2.49
C LEU A 12 -1.01 -2.55 1.14
N ALA A 13 -0.27 -1.46 1.01
CA ALA A 13 -0.27 -0.69 -0.23
C ALA A 13 1.14 -0.29 -0.64
N GLN A 14 1.29 0.17 -1.88
CA GLN A 14 2.59 0.58 -2.39
C GLN A 14 2.61 2.06 -2.73
N LEU A 15 3.80 2.65 -2.77
CA LEU A 15 3.94 4.07 -3.08
C LEU A 15 5.17 4.30 -3.96
N PRO A 16 5.19 5.44 -4.67
CA PRO A 16 6.29 5.79 -5.56
C PRO A 16 7.46 6.43 -4.82
N GLY A 17 8.54 6.71 -5.56
CA GLY A 17 9.71 7.32 -4.95
C GLY A 17 9.41 8.65 -4.29
N GLY A 1 -3.82 -0.10 -1.83
CA GLY A 1 -3.90 -0.95 -3.02
C GLY A 1 -3.11 -2.24 -2.86
N PRO A 2 -2.48 -2.72 -3.96
CA PRO A 2 -1.69 -3.96 -3.94
C PRO A 2 -0.69 -4.00 -2.78
N PRO A 3 -0.33 -5.21 -2.32
CA PRO A 3 0.63 -5.39 -1.22
C PRO A 3 1.95 -4.66 -1.46
N GLY A 4 2.07 -3.46 -0.92
CA GLY A 4 3.28 -2.69 -1.09
C GLY A 4 4.04 -2.49 0.22
N ASP A 5 4.48 -1.26 0.45
CA ASP A 5 5.21 -0.93 1.68
C ASP A 5 4.37 -0.06 2.61
N ARG A 6 3.48 0.73 2.02
CA ARG A 6 2.61 1.61 2.80
C ARG A 6 1.30 0.90 3.16
N ILE A 7 0.31 1.67 3.58
CA ILE A 7 -0.98 1.10 3.94
C ILE A 7 -2.10 1.65 3.07
N GLU A 8 -3.27 1.03 3.15
CA GLU A 8 -4.43 1.45 2.38
C GLU A 8 -5.69 1.36 3.23
N PHE A 9 -6.84 1.18 2.57
CA PHE A 9 -8.12 1.09 3.28
C PHE A 9 -8.22 -0.23 4.05
N GLY A 10 -7.23 -0.51 4.89
CA GLY A 10 -7.25 -1.73 5.67
C GLY A 10 -6.34 -2.80 5.12
N VAL A 11 -5.42 -2.41 4.24
CA VAL A 11 -4.48 -3.35 3.64
C VAL A 11 -3.16 -2.67 3.30
N LEU A 12 -2.18 -3.46 2.87
CA LEU A 12 -0.88 -2.93 2.50
C LEU A 12 -0.93 -2.30 1.12
N ALA A 13 -0.22 -1.19 0.94
CA ALA A 13 -0.20 -0.49 -0.34
C ALA A 13 1.22 -0.18 -0.79
N GLN A 14 1.39 0.12 -2.06
CA GLN A 14 2.69 0.44 -2.62
C GLN A 14 2.77 1.92 -3.02
N LEU A 15 3.75 2.63 -2.47
CA LEU A 15 3.93 4.04 -2.77
C LEU A 15 4.84 4.23 -3.98
N PRO A 16 4.60 5.28 -4.78
CA PRO A 16 5.39 5.58 -5.97
C PRO A 16 6.69 6.31 -5.64
N GLY A 17 7.66 6.21 -6.54
CA GLY A 17 8.94 6.86 -6.32
C GLY A 17 8.80 8.37 -6.18
N GLY A 1 -4.25 -0.36 -2.04
CA GLY A 1 -4.35 -1.27 -3.16
C GLY A 1 -3.28 -2.34 -3.15
N PRO A 2 -2.52 -2.50 -4.25
CA PRO A 2 -1.46 -3.50 -4.34
C PRO A 2 -0.57 -3.53 -3.10
N PRO A 3 -0.57 -4.65 -2.35
CA PRO A 3 0.25 -4.78 -1.13
C PRO A 3 1.71 -4.40 -1.37
N GLY A 4 2.14 -3.30 -0.76
CA GLY A 4 3.50 -2.85 -0.91
C GLY A 4 4.15 -2.48 0.41
N ASP A 5 4.62 -1.25 0.52
CA ASP A 5 5.26 -0.77 1.74
C ASP A 5 4.34 0.18 2.50
N ARG A 6 3.40 0.79 1.80
CA ARG A 6 2.46 1.71 2.42
C ARG A 6 1.21 0.98 2.88
N ILE A 7 0.20 1.73 3.30
CA ILE A 7 -1.05 1.15 3.78
C ILE A 7 -2.24 1.67 2.98
N GLU A 8 -3.30 0.87 2.94
CA GLU A 8 -4.51 1.24 2.23
C GLU A 8 -5.71 1.22 3.17
N PHE A 9 -6.90 1.00 2.62
CA PHE A 9 -8.13 0.97 3.42
C PHE A 9 -8.17 -0.29 4.28
N GLY A 10 -7.14 -0.49 5.09
CA GLY A 10 -7.09 -1.64 5.96
C GLY A 10 -6.25 -2.77 5.39
N VAL A 11 -5.36 -2.44 4.46
CA VAL A 11 -4.48 -3.43 3.84
C VAL A 11 -3.16 -2.81 3.42
N LEU A 12 -2.23 -3.64 2.96
CA LEU A 12 -0.93 -3.16 2.52
C LEU A 12 -1.04 -2.42 1.20
N ALA A 13 -0.20 -1.43 1.00
CA ALA A 13 -0.21 -0.64 -0.23
C ALA A 13 1.20 -0.36 -0.73
N GLN A 14 1.29 0.16 -1.95
CA GLN A 14 2.59 0.47 -2.55
C GLN A 14 2.88 1.97 -2.49
N LEU A 15 4.11 2.34 -2.77
CA LEU A 15 4.51 3.75 -2.75
C LEU A 15 5.61 4.02 -3.77
N PRO A 16 5.63 5.24 -4.34
CA PRO A 16 6.62 5.63 -5.34
C PRO A 16 7.94 6.06 -4.71
N GLY A 17 8.76 5.08 -4.35
CA GLY A 17 10.05 5.38 -3.75
C GLY A 17 9.91 6.02 -2.38
N GLY A 1 -4.21 -0.84 -1.94
CA GLY A 1 -4.43 -1.86 -2.95
C GLY A 1 -3.24 -2.78 -3.13
N PRO A 2 -2.42 -2.56 -4.18
CA PRO A 2 -1.24 -3.39 -4.44
C PRO A 2 -0.34 -3.51 -3.21
N PRO A 3 -0.24 -4.71 -2.62
CA PRO A 3 0.60 -4.94 -1.44
C PRO A 3 2.02 -4.44 -1.63
N GLY A 4 2.35 -3.34 -0.95
CA GLY A 4 3.69 -2.78 -1.06
C GLY A 4 4.29 -2.42 0.28
N ASP A 5 4.94 -1.26 0.35
CA ASP A 5 5.55 -0.81 1.60
C ASP A 5 4.71 0.27 2.27
N ARG A 6 3.47 0.45 1.80
CA ARG A 6 2.56 1.44 2.37
C ARG A 6 1.28 0.79 2.83
N ILE A 7 0.31 1.59 3.26
CA ILE A 7 -0.96 1.07 3.73
C ILE A 7 -2.13 1.61 2.90
N GLU A 8 -3.22 0.87 2.88
CA GLU A 8 -4.40 1.25 2.13
C GLU A 8 -5.60 1.40 3.08
N PHE A 9 -6.81 1.26 2.54
CA PHE A 9 -8.02 1.38 3.35
C PHE A 9 -8.22 0.13 4.21
N GLY A 10 -7.21 -0.20 5.01
CA GLY A 10 -7.28 -1.36 5.87
C GLY A 10 -6.48 -2.53 5.33
N VAL A 11 -5.52 -2.24 4.45
CA VAL A 11 -4.68 -3.29 3.86
C VAL A 11 -3.30 -2.74 3.51
N LEU A 12 -2.43 -3.63 3.04
CA LEU A 12 -1.08 -3.24 2.66
C LEU A 12 -1.05 -2.68 1.24
N ALA A 13 -0.49 -1.49 1.09
CA ALA A 13 -0.40 -0.84 -0.21
C ALA A 13 1.05 -0.52 -0.57
N GLN A 14 1.24 0.15 -1.69
CA GLN A 14 2.58 0.52 -2.15
C GLN A 14 2.77 2.03 -2.09
N LEU A 15 4.00 2.47 -2.36
CA LEU A 15 4.33 3.89 -2.33
C LEU A 15 4.02 4.56 -3.67
N PRO A 16 3.71 5.85 -3.65
CA PRO A 16 3.38 6.61 -4.85
C PRO A 16 4.62 7.08 -5.60
N GLY A 17 5.08 6.26 -6.54
CA GLY A 17 6.26 6.61 -7.31
C GLY A 17 5.98 7.66 -8.37
N GLY A 1 -4.07 0.36 -2.37
CA GLY A 1 -3.57 -0.25 -3.58
C GLY A 1 -2.89 -1.59 -3.33
N PRO A 2 -2.19 -2.13 -4.34
CA PRO A 2 -1.50 -3.42 -4.22
C PRO A 2 -0.63 -3.50 -2.96
N PRO A 3 -0.56 -4.68 -2.32
CA PRO A 3 0.24 -4.88 -1.10
C PRO A 3 1.70 -4.49 -1.30
N GLY A 4 2.10 -3.39 -0.66
CA GLY A 4 3.48 -2.94 -0.77
C GLY A 4 4.05 -2.47 0.56
N ASP A 5 4.59 -1.26 0.57
CA ASP A 5 5.17 -0.69 1.79
C ASP A 5 4.22 0.32 2.43
N ARG A 6 3.24 0.79 1.66
CA ARG A 6 2.28 1.76 2.16
C ARG A 6 1.07 1.03 2.76
N ILE A 7 0.05 1.80 3.15
CA ILE A 7 -1.14 1.23 3.74
C ILE A 7 -2.40 1.67 3.01
N GLU A 8 -3.25 0.71 2.68
CA GLU A 8 -4.50 0.99 1.98
C GLU A 8 -5.64 1.10 2.98
N PHE A 9 -6.86 0.81 2.54
CA PHE A 9 -8.04 0.88 3.40
C PHE A 9 -8.08 -0.31 4.36
N GLY A 10 -7.02 -0.50 5.12
CA GLY A 10 -6.95 -1.60 6.07
C GLY A 10 -6.09 -2.75 5.57
N VAL A 11 -5.23 -2.47 4.61
CA VAL A 11 -4.35 -3.50 4.05
C VAL A 11 -3.05 -2.88 3.55
N LEU A 12 -2.11 -3.73 3.15
CA LEU A 12 -0.83 -3.26 2.65
C LEU A 12 -1.00 -2.57 1.30
N ALA A 13 -0.24 -1.50 1.07
CA ALA A 13 -0.32 -0.76 -0.18
C ALA A 13 1.07 -0.50 -0.75
N GLN A 14 1.11 -0.04 -2.00
CA GLN A 14 2.37 0.25 -2.67
C GLN A 14 2.69 1.74 -2.60
N LEU A 15 3.99 2.05 -2.50
CA LEU A 15 4.43 3.44 -2.43
C LEU A 15 5.00 3.90 -3.77
N PRO A 16 4.94 5.21 -4.04
CA PRO A 16 5.45 5.78 -5.28
C PRO A 16 6.95 6.03 -5.25
N GLY A 17 7.55 6.21 -6.43
CA GLY A 17 8.97 6.45 -6.51
C GLY A 17 9.31 7.69 -7.32
N GLY A 1 -3.78 0.11 -2.01
CA GLY A 1 -3.73 -0.73 -3.21
C GLY A 1 -3.05 -2.07 -2.96
N PRO A 2 -2.43 -2.65 -4.00
CA PRO A 2 -1.75 -3.94 -3.89
C PRO A 2 -0.76 -3.97 -2.72
N PRO A 3 -0.52 -5.18 -2.16
CA PRO A 3 0.40 -5.34 -1.03
C PRO A 3 1.77 -4.71 -1.29
N GLY A 4 1.97 -3.51 -0.76
CA GLY A 4 3.23 -2.82 -0.96
C GLY A 4 3.95 -2.56 0.36
N ASP A 5 4.47 -1.34 0.51
CA ASP A 5 5.18 -0.96 1.73
C ASP A 5 4.35 0.00 2.58
N ARG A 6 3.44 0.71 1.93
CA ARG A 6 2.58 1.66 2.64
C ARG A 6 1.29 0.97 3.09
N ILE A 7 0.29 1.77 3.45
CA ILE A 7 -0.98 1.22 3.90
C ILE A 7 -2.15 1.76 3.06
N GLU A 8 -3.23 1.01 3.04
CA GLU A 8 -4.43 1.40 2.29
C GLU A 8 -5.67 1.33 3.19
N PHE A 9 -6.83 1.13 2.58
CA PHE A 9 -8.07 1.04 3.33
C PHE A 9 -8.16 -0.28 4.11
N GLY A 10 -7.14 -0.56 4.91
CA GLY A 10 -7.11 -1.78 5.69
C GLY A 10 -6.20 -2.84 5.09
N VAL A 11 -5.28 -2.42 4.24
CA VAL A 11 -4.36 -3.34 3.59
C VAL A 11 -3.03 -2.66 3.28
N LEU A 12 -2.07 -3.44 2.81
CA LEU A 12 -0.75 -2.90 2.46
C LEU A 12 -0.76 -2.34 1.05
N ALA A 13 -0.22 -1.13 0.88
CA ALA A 13 -0.17 -0.49 -0.42
C ALA A 13 1.27 -0.26 -0.87
N GLN A 14 1.44 -0.02 -2.17
CA GLN A 14 2.77 0.21 -2.73
C GLN A 14 2.85 1.60 -3.36
N LEU A 15 3.38 2.56 -2.60
CA LEU A 15 3.52 3.92 -3.07
C LEU A 15 4.79 4.56 -2.54
N PRO A 16 5.42 5.45 -3.33
CA PRO A 16 6.65 6.13 -2.94
C PRO A 16 6.39 7.34 -2.05
N GLY A 17 7.46 7.93 -1.52
CA GLY A 17 7.33 9.08 -0.67
C GLY A 17 8.26 10.21 -1.05
N GLY A 1 -4.21 -0.38 -2.11
CA GLY A 1 -4.35 -1.32 -3.22
C GLY A 1 -3.35 -2.46 -3.14
N PRO A 2 -2.58 -2.71 -4.21
CA PRO A 2 -1.59 -3.78 -4.23
C PRO A 2 -0.66 -3.75 -3.01
N PRO A 3 -0.57 -4.86 -2.26
CA PRO A 3 0.28 -4.94 -1.07
C PRO A 3 1.70 -4.47 -1.34
N GLY A 4 2.06 -3.32 -0.79
CA GLY A 4 3.39 -2.78 -0.98
C GLY A 4 4.10 -2.50 0.33
N ASP A 5 4.53 -1.26 0.51
CA ASP A 5 5.23 -0.87 1.74
C ASP A 5 4.35 0.03 2.61
N ARG A 6 3.44 0.76 1.97
CA ARG A 6 2.55 1.66 2.69
C ARG A 6 1.24 0.94 3.05
N ILE A 7 0.26 1.71 3.52
CA ILE A 7 -1.02 1.13 3.91
C ILE A 7 -2.17 1.68 3.07
N GLU A 8 -3.22 0.89 2.92
CA GLU A 8 -4.39 1.27 2.16
C GLU A 8 -5.62 1.28 3.07
N PHE A 9 -6.79 1.05 2.49
CA PHE A 9 -8.03 1.03 3.26
C PHE A 9 -8.11 -0.21 4.15
N GLY A 10 -7.09 -0.41 4.98
CA GLY A 10 -7.05 -1.55 5.87
C GLY A 10 -6.19 -2.68 5.34
N VAL A 11 -5.30 -2.37 4.40
CA VAL A 11 -4.41 -3.38 3.82
C VAL A 11 -3.08 -2.76 3.39
N LEU A 12 -2.17 -3.60 2.94
CA LEU A 12 -0.86 -3.13 2.48
C LEU A 12 -0.97 -2.46 1.11
N ALA A 13 -0.20 -1.41 0.90
CA ALA A 13 -0.22 -0.69 -0.36
C ALA A 13 1.19 -0.32 -0.82
N GLN A 14 1.29 0.18 -2.04
CA GLN A 14 2.58 0.57 -2.61
C GLN A 14 2.74 2.09 -2.60
N LEU A 15 3.97 2.55 -2.64
CA LEU A 15 4.26 3.98 -2.63
C LEU A 15 5.39 4.33 -3.58
N PRO A 16 5.35 5.52 -4.18
CA PRO A 16 6.38 5.98 -5.12
C PRO A 16 7.59 6.56 -4.41
N GLY A 17 8.75 6.50 -5.07
CA GLY A 17 9.96 7.02 -4.48
C GLY A 17 10.74 5.98 -3.71
N GLY A 1 -3.92 0.02 -2.40
CA GLY A 1 -3.79 -0.84 -3.55
C GLY A 1 -3.03 -2.13 -3.24
N PRO A 2 -2.31 -2.69 -4.22
CA PRO A 2 -1.55 -3.92 -4.03
C PRO A 2 -0.62 -3.87 -2.81
N PRO A 3 -0.40 -5.01 -2.13
CA PRO A 3 0.47 -5.07 -0.94
C PRO A 3 1.88 -4.56 -1.23
N GLY A 4 2.17 -3.35 -0.79
CA GLY A 4 3.49 -2.77 -1.00
C GLY A 4 4.19 -2.43 0.30
N ASP A 5 4.76 -1.24 0.37
CA ASP A 5 5.45 -0.79 1.57
C ASP A 5 4.66 0.31 2.29
N ARG A 6 3.36 0.34 2.04
CA ARG A 6 2.49 1.34 2.66
C ARG A 6 1.20 0.69 3.16
N ILE A 7 0.24 1.51 3.56
CA ILE A 7 -1.04 1.00 4.04
C ILE A 7 -2.21 1.61 3.28
N GLU A 8 -3.10 0.74 2.80
CA GLU A 8 -4.27 1.18 2.06
C GLU A 8 -5.46 1.33 3.01
N PHE A 9 -6.67 1.20 2.48
CA PHE A 9 -7.88 1.33 3.30
C PHE A 9 -8.11 0.06 4.13
N GLY A 10 -7.10 -0.32 4.91
CA GLY A 10 -7.22 -1.51 5.75
C GLY A 10 -6.39 -2.68 5.23
N VAL A 11 -5.44 -2.39 4.34
CA VAL A 11 -4.58 -3.42 3.78
C VAL A 11 -3.22 -2.86 3.41
N LEU A 12 -2.32 -3.71 2.95
CA LEU A 12 -0.99 -3.29 2.55
C LEU A 12 -1.03 -2.61 1.18
N ALA A 13 -0.37 -1.46 1.06
CA ALA A 13 -0.35 -0.73 -0.19
C ALA A 13 1.08 -0.40 -0.62
N GLN A 14 1.21 0.23 -1.78
CA GLN A 14 2.52 0.61 -2.31
C GLN A 14 2.64 2.12 -2.41
N LEU A 15 3.87 2.59 -2.63
CA LEU A 15 4.12 4.03 -2.75
C LEU A 15 3.88 4.51 -4.17
N PRO A 16 3.29 5.71 -4.32
CA PRO A 16 3.01 6.29 -5.63
C PRO A 16 4.22 6.96 -6.25
N GLY A 17 4.69 6.41 -7.37
CA GLY A 17 5.85 6.97 -8.04
C GLY A 17 5.48 7.64 -9.36
N GLY A 1 -4.28 -0.80 -2.25
CA GLY A 1 -4.45 -1.84 -3.25
C GLY A 1 -3.20 -2.70 -3.41
N PRO A 2 -2.40 -2.47 -4.45
CA PRO A 2 -1.17 -3.25 -4.69
C PRO A 2 -0.29 -3.35 -3.45
N PRO A 3 -0.27 -4.53 -2.80
CA PRO A 3 0.52 -4.74 -1.59
C PRO A 3 1.98 -4.30 -1.76
N GLY A 4 2.43 -3.42 -0.88
CA GLY A 4 3.81 -2.94 -0.95
C GLY A 4 4.36 -2.57 0.42
N ASP A 5 4.70 -1.30 0.59
CA ASP A 5 5.26 -0.81 1.85
C ASP A 5 4.32 0.20 2.51
N ARG A 6 3.31 0.65 1.78
CA ARG A 6 2.36 1.62 2.30
C ARG A 6 1.11 0.93 2.81
N ILE A 7 0.21 1.71 3.41
CA ILE A 7 -1.04 1.15 3.93
C ILE A 7 -2.24 1.68 3.16
N GLU A 8 -3.12 0.77 2.76
CA GLU A 8 -4.32 1.14 2.03
C GLU A 8 -5.47 1.38 3.00
N PHE A 9 -6.70 1.22 2.51
CA PHE A 9 -7.89 1.42 3.36
C PHE A 9 -8.09 0.23 4.30
N GLY A 10 -7.05 -0.07 5.08
CA GLY A 10 -7.12 -1.18 6.01
C GLY A 10 -6.36 -2.41 5.53
N VAL A 11 -5.44 -2.20 4.60
CA VAL A 11 -4.65 -3.30 4.06
C VAL A 11 -3.26 -2.80 3.61
N LEU A 12 -2.41 -3.74 3.21
CA LEU A 12 -1.07 -3.38 2.75
C LEU A 12 -1.10 -2.84 1.33
N ALA A 13 -0.25 -1.86 1.04
CA ALA A 13 -0.19 -1.27 -0.28
C ALA A 13 1.21 -0.76 -0.60
N GLN A 14 1.35 -0.09 -1.75
CA GLN A 14 2.64 0.45 -2.17
C GLN A 14 2.55 1.97 -2.32
N LEU A 15 3.71 2.63 -2.26
CA LEU A 15 3.76 4.08 -2.40
C LEU A 15 4.59 4.49 -3.62
N PRO A 16 4.15 5.55 -4.32
CA PRO A 16 4.85 6.04 -5.51
C PRO A 16 6.00 6.98 -5.17
N GLY A 17 6.90 6.52 -4.29
CA GLY A 17 8.04 7.32 -3.90
C GLY A 17 8.72 6.79 -2.66
N GLY A 1 -4.23 -0.74 -2.03
CA GLY A 1 -4.45 -1.72 -3.08
C GLY A 1 -3.29 -2.70 -3.18
N PRO A 2 -2.47 -2.59 -4.23
CA PRO A 2 -1.31 -3.49 -4.42
C PRO A 2 -0.42 -3.54 -3.19
N PRO A 3 -0.45 -4.67 -2.45
CA PRO A 3 0.38 -4.84 -1.25
C PRO A 3 1.82 -4.42 -1.46
N GLY A 4 2.23 -3.35 -0.79
CA GLY A 4 3.59 -2.86 -0.92
C GLY A 4 4.24 -2.58 0.43
N ASP A 5 4.63 -1.33 0.63
CA ASP A 5 5.28 -0.92 1.88
C ASP A 5 4.38 0.02 2.69
N ARG A 6 3.42 0.64 2.01
CA ARG A 6 2.50 1.57 2.68
C ARG A 6 1.22 0.85 3.10
N ILE A 7 0.25 1.61 3.60
CA ILE A 7 -1.01 1.04 4.04
C ILE A 7 -2.18 1.65 3.28
N GLU A 8 -3.08 0.79 2.79
CA GLU A 8 -4.26 1.23 2.07
C GLU A 8 -5.44 1.39 3.03
N PHE A 9 -6.65 1.27 2.51
CA PHE A 9 -7.85 1.39 3.33
C PHE A 9 -8.08 0.12 4.16
N GLY A 10 -7.08 -0.26 4.94
CA GLY A 10 -7.19 -1.44 5.77
C GLY A 10 -6.36 -2.60 5.27
N VAL A 11 -5.43 -2.32 4.37
CA VAL A 11 -4.57 -3.37 3.81
C VAL A 11 -3.21 -2.81 3.43
N LEU A 12 -2.33 -3.68 2.96
CA LEU A 12 -1.00 -3.26 2.55
C LEU A 12 -1.03 -2.62 1.15
N ALA A 13 -0.23 -1.58 0.95
CA ALA A 13 -0.19 -0.90 -0.33
C ALA A 13 1.22 -0.45 -0.69
N GLN A 14 1.37 0.14 -1.86
CA GLN A 14 2.67 0.61 -2.32
C GLN A 14 2.64 2.11 -2.61
N LEU A 15 3.81 2.74 -2.57
CA LEU A 15 3.91 4.17 -2.83
C LEU A 15 4.56 4.44 -4.18
N PRO A 16 4.23 5.59 -4.79
CA PRO A 16 4.77 5.97 -6.08
C PRO A 16 6.17 6.58 -5.99
N GLY A 17 7.12 5.96 -6.68
CA GLY A 17 8.49 6.43 -6.67
C GLY A 17 9.50 5.35 -6.93
#